data_8BCR
#
_entry.id   8BCR
#
_cell.length_a   61.260
_cell.length_b   184.133
_cell.length_c   52.149
_cell.angle_alpha   90.00
_cell.angle_beta   90.00
_cell.angle_gamma   90.00
#
_symmetry.space_group_name_H-M   'P 21 21 2'
#
loop_
_entity.id
_entity.type
_entity.pdbx_description
1 polymer 'Genome polyprotein'
2 non-polymer S-ADENOSYLMETHIONINE
3 non-polymer '[[(2R,3R,4R,5R)-5-(2-azanyl-6-oxidanylidene-1H-purin-9-yl)-4-fluoranyl-4-methyl-3-oxidanyl-oxolan-2-yl]methoxy-oxidanyl-phosphoryl] phosphono hydrogen phosphate'
4 non-polymer S-ADENOSYL-L-HOMOCYSTEINE
5 non-polymer 'PHOSPHATE ION'
6 water water
#
_entity_poly.entity_id   1
_entity_poly.type   'polypeptide(L)'
_entity_poly.pdbx_seq_one_letter_code
;GTGSQGETLGEKWKKKLNQLSRKEFDLYKKSGITEVDRTEAKEGLKRGETTHHAVSRGSAKLQWFVERNMVIPEGRVIDL
GCGRGGWSYYCAGLKKVTEVRGYTKGGPGHEEPVPMSTYGWNIVKLMSGKDVFYLPPEKCDTLLCDIGESSPSPTVEESR
TIRVLKMVEPWLKNNQFCIKVLNPYMPTVIEHLERLQRKHGGMLVRNPLSRNSTHEMYWISNGTGNIVSSVNMVSRLLLN
RFTMTHRRPTIEKDVDLGAGTRHVNAEPETPNMDVI
;
_entity_poly.pdbx_strand_id   A,B
#
loop_
_chem_comp.id
_chem_comp.type
_chem_comp.name
_chem_comp.formula
AT9 non-polymer '[[(2R,3R,4R,5R)-5-(2-azanyl-6-oxidanylidene-1H-purin-9-yl)-4-fluoranyl-4-methyl-3-oxidanyl-oxolan-2-yl]methoxy-oxidanyl-phosphoryl] phosphono hydrogen phosphate' 'C11 H17 F N5 O13 P3'
PO4 non-polymer 'PHOSPHATE ION' 'O4 P -3'
SAH non-polymer S-ADENOSYL-L-HOMOCYSTEINE 'C14 H20 N6 O5 S'
SAM non-polymer S-ADENOSYLMETHIONINE 'C15 H22 N6 O5 S'
#
# COMPACT_ATOMS: atom_id res chain seq x y z
N GLU A 7 -0.03 3.81 32.49
CA GLU A 7 -1.16 3.25 31.76
C GLU A 7 -2.28 4.26 31.50
N THR A 8 -2.83 4.21 30.29
CA THR A 8 -3.83 5.18 29.86
C THR A 8 -5.20 4.83 30.42
N LEU A 9 -6.09 5.82 30.39
CA LEU A 9 -7.48 5.59 30.75
C LEU A 9 -8.13 4.61 29.80
N GLY A 10 -7.81 4.72 28.51
CA GLY A 10 -8.32 3.78 27.53
C GLY A 10 -7.93 2.34 27.83
N GLU A 11 -6.70 2.12 28.32
CA GLU A 11 -6.30 0.75 28.55
C GLU A 11 -7.06 0.13 29.73
N LYS A 12 -7.41 0.95 30.70
CA LYS A 12 -8.19 0.49 31.85
C LYS A 12 -9.60 0.13 31.42
N TRP A 13 -10.21 0.97 30.60
CA TRP A 13 -11.50 0.65 29.99
C TRP A 13 -11.45 -0.70 29.29
N LYS A 14 -10.46 -0.92 28.42
CA LYS A 14 -10.34 -2.18 27.68
C LYS A 14 -10.31 -3.40 28.59
N LYS A 15 -9.53 -3.34 29.67
CA LYS A 15 -9.42 -4.47 30.59
C LYS A 15 -10.75 -4.74 31.29
N LYS A 16 -11.44 -3.68 31.70
CA LYS A 16 -12.80 -3.83 32.22
C LYS A 16 -13.74 -4.41 31.17
N LEU A 17 -13.64 -3.96 29.93
CA LEU A 17 -14.50 -4.55 28.90
C LEU A 17 -14.22 -6.05 28.73
N ASN A 18 -12.94 -6.42 28.67
CA ASN A 18 -12.62 -7.85 28.55
C ASN A 18 -13.07 -8.70 29.74
N GLN A 19 -13.35 -8.09 30.89
CA GLN A 19 -13.81 -8.82 32.09
C GLN A 19 -15.29 -9.15 32.06
N LEU A 20 -16.06 -8.52 31.18
CA LEU A 20 -17.51 -8.62 31.20
C LEU A 20 -17.96 -9.96 30.66
N SER A 21 -19.11 -10.39 31.14
CA SER A 21 -19.76 -11.61 30.61
C SER A 21 -20.40 -11.24 29.29
N ARG A 22 -20.82 -12.22 28.50
CA ARG A 22 -21.54 -11.87 27.25
C ARG A 22 -22.81 -11.07 27.61
N LYS A 23 -23.48 -11.45 28.71
CA LYS A 23 -24.69 -10.71 29.16
C LYS A 23 -24.31 -9.25 29.47
N GLU A 24 -23.37 -9.04 30.40
CA GLU A 24 -22.94 -7.70 30.72
C GLU A 24 -22.52 -6.93 29.48
N PHE A 25 -21.75 -7.57 28.58
CA PHE A 25 -21.30 -6.95 27.33
C PHE A 25 -22.47 -6.46 26.48
N ASP A 26 -23.42 -7.35 26.24
CA ASP A 26 -24.57 -7.01 25.40
C ASP A 26 -25.38 -5.88 26.01
N LEU A 27 -25.52 -5.85 27.34
CA LEU A 27 -26.18 -4.70 27.95
C LEU A 27 -25.34 -3.44 27.85
N TYR A 28 -24.01 -3.59 27.86
CA TYR A 28 -23.16 -2.43 27.91
C TYR A 28 -22.96 -1.77 26.54
N LYS A 29 -22.88 -2.58 25.48
CA LYS A 29 -22.40 -2.07 24.20
C LYS A 29 -23.30 -0.99 23.66
N LYS A 30 -24.59 -1.01 24.03
CA LYS A 30 -25.51 0.01 23.53
C LYS A 30 -26.03 0.96 24.63
N SER A 31 -25.50 0.88 25.85
CA SER A 31 -25.98 1.76 26.90
C SER A 31 -25.74 3.22 26.54
N GLY A 32 -26.82 3.99 26.46
CA GLY A 32 -26.75 5.42 26.25
C GLY A 32 -26.30 5.86 24.87
N ILE A 33 -26.16 4.97 23.92
CA ILE A 33 -25.67 5.42 22.63
C ILE A 33 -26.82 5.96 21.81
N THR A 34 -26.52 6.38 20.59
CA THR A 34 -27.54 6.71 19.60
C THR A 34 -27.52 5.60 18.58
N GLU A 35 -28.68 5.22 18.05
CA GLU A 35 -28.69 4.30 16.93
C GLU A 35 -29.94 4.46 16.08
N VAL A 36 -29.79 4.13 14.80
CA VAL A 36 -30.90 4.30 13.87
C VAL A 36 -31.71 3.00 13.86
N ASP A 37 -32.97 3.12 13.49
CA ASP A 37 -33.89 1.99 13.47
C ASP A 37 -33.80 1.33 12.08
N ARG A 38 -33.24 0.14 12.04
CA ARG A 38 -32.99 -0.52 10.76
C ARG A 38 -34.11 -1.45 10.35
N THR A 39 -35.21 -1.53 11.10
CA THR A 39 -36.21 -2.57 10.83
C THR A 39 -36.76 -2.45 9.43
N GLU A 40 -37.17 -1.25 9.01
CA GLU A 40 -37.74 -1.09 7.68
C GLU A 40 -36.73 -1.45 6.61
N ALA A 41 -35.48 -0.98 6.76
CA ALA A 41 -34.47 -1.26 5.75
C ALA A 41 -34.16 -2.73 5.66
N LYS A 42 -34.03 -3.41 6.80
CA LYS A 42 -33.68 -4.83 6.77
C LYS A 42 -34.78 -5.64 6.10
N GLU A 43 -36.04 -5.24 6.32
CA GLU A 43 -37.16 -5.94 5.72
C GLU A 43 -37.19 -5.75 4.22
N GLY A 44 -36.99 -4.52 3.76
CA GLY A 44 -37.01 -4.25 2.32
C GLY A 44 -35.82 -4.83 1.60
N LEU A 45 -34.65 -4.83 2.25
CA LEU A 45 -33.49 -5.42 1.58
C LEU A 45 -33.66 -6.93 1.46
N LYS A 46 -34.30 -7.55 2.45
CA LYS A 46 -34.54 -8.98 2.40
C LYS A 46 -35.46 -9.33 1.25
N ARG A 47 -36.28 -8.39 0.81
CA ARG A 47 -37.18 -8.61 -0.30
C ARG A 47 -36.55 -8.23 -1.63
N GLY A 48 -35.29 -7.80 -1.63
CA GLY A 48 -34.63 -7.47 -2.85
C GLY A 48 -34.82 -6.04 -3.32
N GLU A 49 -35.41 -5.17 -2.51
CA GLU A 49 -35.56 -3.78 -2.90
C GLU A 49 -34.21 -3.12 -3.02
N THR A 50 -34.05 -2.30 -4.06
CA THR A 50 -32.80 -1.66 -4.40
C THR A 50 -32.93 -0.15 -4.32
N THR A 51 -34.09 0.38 -3.99
CA THR A 51 -34.25 1.83 -3.84
C THR A 51 -34.45 2.16 -2.36
N HIS A 52 -34.12 3.43 -2.02
CA HIS A 52 -34.28 4.08 -0.72
C HIS A 52 -33.40 3.55 0.44
N HIS A 53 -33.28 2.24 0.60
CA HIS A 53 -32.63 1.70 1.81
C HIS A 53 -31.11 1.93 1.78
N ALA A 54 -30.56 2.26 2.96
CA ALA A 54 -29.11 2.15 3.18
C ALA A 54 -28.75 0.69 3.37
N VAL A 55 -27.60 0.27 2.81
CA VAL A 55 -27.22 -1.15 2.88
C VAL A 55 -26.68 -1.55 4.24
N SER A 56 -26.38 -0.58 5.10
CA SER A 56 -25.80 -0.80 6.41
C SER A 56 -26.08 0.41 7.30
N ARG A 57 -25.78 0.26 8.59
CA ARG A 57 -25.80 1.40 9.51
C ARG A 57 -24.79 2.47 9.12
N GLY A 58 -23.84 2.15 8.26
CA GLY A 58 -22.75 3.09 8.00
C GLY A 58 -23.20 4.35 7.26
N SER A 59 -24.24 4.26 6.43
CA SER A 59 -24.70 5.47 5.73
C SER A 59 -25.08 6.55 6.73
N ALA A 60 -25.76 6.14 7.80
CA ALA A 60 -26.17 7.10 8.83
C ALA A 60 -24.99 7.60 9.63
N LYS A 61 -23.98 6.73 9.84
CA LYS A 61 -22.83 7.14 10.62
C LYS A 61 -22.03 8.22 9.90
N LEU A 62 -21.75 8.01 8.61
CA LEU A 62 -21.06 9.05 7.86
C LEU A 62 -21.93 10.29 7.76
N GLN A 63 -23.25 10.13 7.67
CA GLN A 63 -24.13 11.27 7.56
C GLN A 63 -23.94 12.20 8.74
N TRP A 64 -23.78 11.64 9.93
CA TRP A 64 -23.65 12.45 11.13
C TRP A 64 -22.48 13.43 10.99
N PHE A 65 -21.35 12.96 10.47
CA PHE A 65 -20.20 13.83 10.28
C PHE A 65 -20.46 14.85 9.19
N VAL A 66 -21.09 14.44 8.10
CA VAL A 66 -21.26 15.35 6.96
C VAL A 66 -22.25 16.45 7.31
N GLU A 67 -23.36 16.11 7.95
CA GLU A 67 -24.36 17.11 8.31
C GLU A 67 -23.86 18.12 9.32
N ARG A 68 -22.68 17.89 9.87
CA ARG A 68 -22.03 18.81 10.79
C ARG A 68 -20.80 19.48 10.17
N ASN A 69 -20.60 19.30 8.85
CA ASN A 69 -19.50 19.90 8.09
C ASN A 69 -18.11 19.45 8.55
N MET A 70 -18.02 18.32 9.26
CA MET A 70 -16.72 17.83 9.70
C MET A 70 -15.91 17.22 8.55
N VAL A 71 -16.59 16.58 7.60
CA VAL A 71 -16.03 16.23 6.30
C VAL A 71 -17.06 16.61 5.23
N ILE A 72 -16.62 17.31 4.19
CA ILE A 72 -17.55 17.73 3.13
C ILE A 72 -17.16 17.03 1.83
N PRO A 73 -17.80 15.92 1.51
CA PRO A 73 -17.38 15.15 0.33
C PRO A 73 -17.62 15.93 -0.96
N GLU A 74 -16.66 15.80 -1.87
CA GLU A 74 -16.63 16.56 -3.10
C GLU A 74 -15.74 15.84 -4.07
N GLY A 75 -16.05 16.03 -5.36
CA GLY A 75 -15.20 15.53 -6.42
C GLY A 75 -15.13 14.03 -6.41
N ARG A 76 -13.92 13.52 -6.69
CA ARG A 76 -13.67 12.09 -6.74
C ARG A 76 -13.49 11.58 -5.30
N VAL A 77 -14.36 10.67 -4.87
CA VAL A 77 -14.39 10.17 -3.50
C VAL A 77 -13.85 8.74 -3.52
N ILE A 78 -12.86 8.47 -2.66
CA ILE A 78 -12.35 7.10 -2.47
C ILE A 78 -12.84 6.59 -1.13
N ASP A 79 -13.38 5.38 -1.11
CA ASP A 79 -13.99 4.80 0.08
C ASP A 79 -13.21 3.51 0.38
N LEU A 80 -12.21 3.61 1.24
CA LEU A 80 -11.37 2.45 1.57
C LEU A 80 -12.02 1.58 2.63
N GLY A 81 -12.12 0.27 2.34
CA GLY A 81 -12.90 -0.64 3.14
C GLY A 81 -14.38 -0.39 3.07
N CYS A 82 -14.94 -0.34 1.85
CA CYS A 82 -16.34 0.06 1.69
C CYS A 82 -17.32 -0.98 2.19
N GLY A 83 -16.91 -2.23 2.32
CA GLY A 83 -17.85 -3.27 2.70
C GLY A 83 -19.06 -3.30 1.79
N ARG A 84 -20.26 -3.38 2.38
CA ARG A 84 -21.50 -3.44 1.57
C ARG A 84 -21.72 -2.16 0.79
N GLY A 85 -21.19 -1.04 1.28
CA GLY A 85 -21.24 0.19 0.50
C GLY A 85 -21.94 1.37 1.14
N GLY A 86 -22.10 1.41 2.47
CA GLY A 86 -22.97 2.42 3.07
C GLY A 86 -22.45 3.85 2.92
N TRP A 87 -21.14 4.02 3.02
CA TRP A 87 -20.54 5.35 2.84
C TRP A 87 -20.59 5.77 1.39
N SER A 88 -20.35 4.84 0.49
CA SER A 88 -20.27 5.13 -0.94
C SER A 88 -21.63 5.54 -1.50
N TYR A 89 -22.66 4.76 -1.16
CA TYR A 89 -23.99 5.10 -1.61
C TYR A 89 -24.50 6.41 -1.02
N TYR A 90 -24.14 6.69 0.23
CA TYR A 90 -24.52 7.96 0.82
C TYR A 90 -23.84 9.12 0.09
N CYS A 91 -22.51 9.03 -0.14
CA CYS A 91 -21.83 10.15 -0.79
C CYS A 91 -22.32 10.38 -2.21
N ALA A 92 -22.84 9.33 -2.87
CA ALA A 92 -23.17 9.39 -4.28
C ALA A 92 -24.32 10.34 -4.54
N GLY A 93 -25.11 10.65 -3.51
CA GLY A 93 -26.22 11.56 -3.63
C GLY A 93 -25.92 12.97 -3.22
N LEU A 94 -24.69 13.26 -2.83
CA LEU A 94 -24.32 14.59 -2.39
C LEU A 94 -23.95 15.47 -3.58
N LYS A 95 -24.33 16.74 -3.52
CA LYS A 95 -24.31 17.55 -4.75
C LYS A 95 -22.88 17.74 -5.27
N LYS A 96 -21.90 17.88 -4.36
CA LYS A 96 -20.55 18.18 -4.82
C LYS A 96 -19.79 16.95 -5.32
N VAL A 97 -20.33 15.78 -5.15
CA VAL A 97 -19.61 14.56 -5.47
C VAL A 97 -19.82 14.24 -6.94
N THR A 98 -18.73 13.88 -7.63
CA THR A 98 -18.79 13.50 -9.02
C THR A 98 -18.46 12.04 -9.29
N GLU A 99 -17.69 11.39 -8.42
CA GLU A 99 -17.33 9.99 -8.62
C GLU A 99 -17.14 9.38 -7.26
N VAL A 100 -17.55 8.13 -7.12
CA VAL A 100 -17.31 7.34 -5.91
C VAL A 100 -16.68 6.01 -6.28
N ARG A 101 -15.51 5.73 -5.70
CA ARG A 101 -14.80 4.47 -5.92
C ARG A 101 -14.56 3.81 -4.57
N GLY A 102 -15.22 2.68 -4.36
CA GLY A 102 -15.04 1.88 -3.15
C GLY A 102 -14.18 0.65 -3.37
N TYR A 103 -13.35 0.34 -2.36
CA TYR A 103 -12.48 -0.83 -2.37
C TYR A 103 -12.70 -1.63 -1.09
N THR A 104 -12.84 -2.95 -1.19
CA THR A 104 -12.96 -3.73 0.04
C THR A 104 -12.44 -5.13 -0.27
N LYS A 105 -12.09 -5.85 0.80
CA LYS A 105 -11.41 -7.15 0.63
C LYS A 105 -12.36 -8.23 0.13
N GLY A 106 -13.54 -8.28 0.63
CA GLY A 106 -14.37 -9.45 0.35
C GLY A 106 -13.82 -10.78 0.85
N GLY A 107 -14.48 -11.83 0.36
CA GLY A 107 -14.13 -13.19 0.67
C GLY A 107 -14.56 -13.62 2.05
N PRO A 108 -14.06 -14.79 2.50
CA PRO A 108 -14.40 -15.26 3.85
C PRO A 108 -14.09 -14.25 4.93
N GLY A 109 -15.03 -14.11 5.86
CA GLY A 109 -14.85 -13.21 6.99
C GLY A 109 -15.18 -11.75 6.71
N HIS A 110 -15.47 -11.38 5.48
CA HIS A 110 -15.56 -9.98 5.10
C HIS A 110 -16.77 -9.75 4.23
N GLU A 111 -17.36 -8.57 4.41
CA GLU A 111 -18.60 -8.19 3.73
C GLU A 111 -18.36 -7.89 2.25
N GLU A 112 -19.32 -8.27 1.42
CA GLU A 112 -19.20 -8.04 -0.02
C GLU A 112 -20.04 -6.83 -0.41
N PRO A 113 -19.63 -6.06 -1.43
CA PRO A 113 -20.48 -4.94 -1.89
C PRO A 113 -21.86 -5.38 -2.33
N VAL A 114 -22.87 -4.58 -2.00
CA VAL A 114 -24.27 -4.85 -2.27
C VAL A 114 -24.69 -3.90 -3.38
N PRO A 115 -25.17 -4.38 -4.53
CA PRO A 115 -25.59 -3.45 -5.61
C PRO A 115 -26.91 -2.76 -5.28
N MET A 116 -26.93 -1.43 -5.49
CA MET A 116 -28.13 -0.66 -5.21
C MET A 116 -28.40 0.36 -6.33
N SER A 117 -29.63 0.88 -6.33
CA SER A 117 -30.09 1.86 -7.29
C SER A 117 -30.59 3.12 -6.57
N THR A 118 -30.00 3.39 -5.42
CA THR A 118 -30.26 4.61 -4.67
C THR A 118 -29.73 5.80 -5.45
N TYR A 119 -30.14 6.99 -5.03
CA TYR A 119 -29.87 8.17 -5.81
C TYR A 119 -28.37 8.36 -6.07
N GLY A 120 -28.01 8.49 -7.34
CA GLY A 120 -26.61 8.65 -7.69
C GLY A 120 -25.83 7.37 -7.89
N TRP A 121 -26.49 6.22 -7.85
CA TRP A 121 -25.81 4.94 -8.03
C TRP A 121 -24.92 4.91 -9.27
N ASN A 122 -25.28 5.70 -10.30
CA ASN A 122 -24.54 5.63 -11.55
C ASN A 122 -23.12 6.19 -11.45
N ILE A 123 -22.76 6.86 -10.36
CA ILE A 123 -21.41 7.39 -10.23
C ILE A 123 -20.59 6.54 -9.27
N VAL A 124 -21.15 5.42 -8.79
CA VAL A 124 -20.49 4.54 -7.85
C VAL A 124 -19.89 3.35 -8.57
N LYS A 125 -18.64 2.99 -8.21
CA LYS A 125 -18.07 1.68 -8.55
C LYS A 125 -17.45 1.10 -7.29
N LEU A 126 -17.99 -0.03 -6.84
CA LEU A 126 -17.49 -0.77 -5.69
C LEU A 126 -16.74 -1.99 -6.21
N MET A 127 -15.54 -2.22 -5.70
CA MET A 127 -14.61 -3.26 -6.16
C MET A 127 -14.19 -4.11 -4.96
N SER A 128 -14.53 -5.39 -5.00
CA SER A 128 -14.16 -6.37 -4.00
C SER A 128 -12.84 -7.04 -4.41
N GLY A 129 -12.31 -7.84 -3.49
CA GLY A 129 -11.03 -8.49 -3.74
C GLY A 129 -9.87 -7.56 -3.73
N LYS A 130 -10.00 -6.42 -3.05
CA LYS A 130 -8.94 -5.42 -2.99
C LYS A 130 -8.49 -5.29 -1.53
N ASP A 131 -7.26 -5.68 -1.24
CA ASP A 131 -6.64 -5.42 0.05
C ASP A 131 -5.97 -4.07 -0.06
N VAL A 132 -6.42 -3.11 0.76
CA VAL A 132 -5.95 -1.74 0.61
C VAL A 132 -4.49 -1.60 0.96
N PHE A 133 -3.94 -2.52 1.74
CA PHE A 133 -2.52 -2.42 2.09
C PHE A 133 -1.61 -2.76 0.95
N TYR A 134 -2.17 -3.19 -0.18
CA TYR A 134 -1.42 -3.44 -1.41
C TYR A 134 -1.87 -2.54 -2.55
N LEU A 135 -2.72 -1.54 -2.28
CA LEU A 135 -3.26 -0.67 -3.32
C LEU A 135 -2.36 0.52 -3.52
N PRO A 136 -1.99 0.87 -4.75
CA PRO A 136 -1.24 2.11 -4.96
C PRO A 136 -2.17 3.31 -4.80
N PRO A 137 -1.69 4.40 -4.24
CA PRO A 137 -2.59 5.53 -3.97
C PRO A 137 -3.02 6.18 -5.26
N GLU A 138 -4.23 6.74 -5.26
CA GLU A 138 -4.84 7.39 -6.41
C GLU A 138 -5.19 8.85 -6.10
N LYS A 139 -5.26 9.65 -7.15
CA LYS A 139 -5.74 11.01 -7.01
C LYS A 139 -7.19 11.02 -6.53
N CYS A 140 -7.50 11.86 -5.54
CA CYS A 140 -8.87 11.98 -5.08
C CYS A 140 -9.05 13.29 -4.33
N ASP A 141 -10.29 13.72 -4.25
CA ASP A 141 -10.64 14.97 -3.59
C ASP A 141 -11.22 14.73 -2.21
N THR A 142 -11.70 13.49 -1.96
CA THR A 142 -12.17 13.07 -0.64
C THR A 142 -11.62 11.68 -0.36
N LEU A 143 -10.94 11.47 0.77
CA LEU A 143 -10.44 10.16 1.17
C LEU A 143 -11.22 9.66 2.38
N LEU A 144 -11.94 8.55 2.22
CA LEU A 144 -12.72 7.95 3.29
C LEU A 144 -12.11 6.62 3.63
N CYS A 145 -11.99 6.32 4.93
CA CYS A 145 -11.49 4.99 5.30
C CYS A 145 -12.13 4.56 6.61
N ASP A 146 -12.71 3.35 6.63
CA ASP A 146 -13.46 2.81 7.76
C ASP A 146 -12.89 1.47 8.21
N ILE A 147 -11.59 1.25 8.01
CA ILE A 147 -10.94 -0.01 8.30
C ILE A 147 -10.36 -0.01 9.71
N GLY A 148 -10.56 -1.12 10.40
CA GLY A 148 -9.93 -1.34 11.70
C GLY A 148 -10.73 -2.40 12.45
N GLU A 149 -10.18 -3.60 12.54
CA GLU A 149 -10.87 -4.71 13.16
C GLU A 149 -10.61 -4.74 14.65
N SER A 150 -11.68 -4.80 15.45
CA SER A 150 -11.46 -4.91 16.89
C SER A 150 -10.82 -6.27 17.24
N SER A 151 -10.17 -6.31 18.42
CA SER A 151 -9.54 -7.48 19.01
C SER A 151 -9.75 -7.34 20.50
N PRO A 152 -9.58 -8.44 21.27
CA PRO A 152 -9.49 -8.23 22.73
C PRO A 152 -8.14 -7.68 23.17
N SER A 153 -7.13 -7.78 22.30
CA SER A 153 -5.79 -7.29 22.62
C SER A 153 -5.63 -5.86 22.14
N PRO A 154 -5.39 -4.91 23.04
CA PRO A 154 -5.15 -3.54 22.57
C PRO A 154 -3.84 -3.38 21.86
N THR A 155 -2.85 -4.27 22.09
CA THR A 155 -1.61 -4.15 21.32
C THR A 155 -1.83 -4.57 19.86
N VAL A 156 -2.67 -5.58 19.62
CA VAL A 156 -3.10 -5.91 18.27
C VAL A 156 -3.81 -4.72 17.64
N GLU A 157 -4.73 -4.11 18.39
CA GLU A 157 -5.45 -2.95 17.90
C GLU A 157 -4.52 -1.78 17.65
N GLU A 158 -3.48 -1.62 18.48
N GLU A 158 -3.49 -1.61 18.48
CA GLU A 158 -2.52 -0.55 18.23
CA GLU A 158 -2.52 -0.55 18.23
C GLU A 158 -1.85 -0.73 16.87
C GLU A 158 -1.85 -0.74 16.88
N SER A 159 -1.45 -1.97 16.57
CA SER A 159 -0.76 -2.24 15.32
C SER A 159 -1.67 -2.04 14.12
N ARG A 160 -2.92 -2.50 14.20
CA ARG A 160 -3.86 -2.32 13.10
C ARG A 160 -4.13 -0.85 12.86
N THR A 161 -4.13 -0.05 13.92
CA THR A 161 -4.43 1.36 13.78
C THR A 161 -3.27 2.10 13.10
N ILE A 162 -2.05 1.81 13.55
CA ILE A 162 -0.85 2.40 12.99
C ILE A 162 -0.70 2.03 11.53
N ARG A 163 -1.00 0.77 11.21
CA ARG A 163 -0.90 0.36 9.80
C ARG A 163 -1.87 1.17 8.93
N VAL A 164 -3.08 1.39 9.41
CA VAL A 164 -4.05 2.17 8.63
C VAL A 164 -3.55 3.60 8.43
N LEU A 165 -3.02 4.21 9.49
CA LEU A 165 -2.57 5.60 9.40
C LEU A 165 -1.39 5.73 8.46
N LYS A 166 -0.47 4.77 8.49
CA LYS A 166 0.62 4.78 7.54
C LYS A 166 0.13 4.56 6.11
N MET A 167 -0.91 3.75 5.92
CA MET A 167 -1.44 3.48 4.58
C MET A 167 -2.19 4.68 3.99
N VAL A 168 -2.94 5.42 4.82
CA VAL A 168 -3.75 6.51 4.29
C VAL A 168 -2.89 7.70 3.90
N GLU A 169 -1.72 7.89 4.48
CA GLU A 169 -1.03 9.17 4.29
C GLU A 169 -0.71 9.49 2.85
N PRO A 170 -0.29 8.54 2.01
CA PRO A 170 -0.02 8.86 0.59
C PRO A 170 -1.27 9.23 -0.22
N TRP A 171 -2.46 8.88 0.27
CA TRP A 171 -3.68 9.32 -0.36
C TRP A 171 -4.05 10.75 0.00
N LEU A 172 -3.44 11.33 1.02
CA LEU A 172 -3.84 12.62 1.56
C LEU A 172 -2.98 13.70 0.93
N LYS A 173 -3.62 14.64 0.23
CA LYS A 173 -2.93 15.70 -0.50
C LYS A 173 -3.90 16.87 -0.55
N ASN A 174 -4.01 17.58 0.56
CA ASN A 174 -4.89 18.75 0.65
C ASN A 174 -6.30 18.44 0.14
N ASN A 175 -6.84 17.31 0.61
CA ASN A 175 -8.18 16.88 0.28
C ASN A 175 -9.01 16.67 1.55
N GLN A 176 -10.31 16.48 1.36
CA GLN A 176 -11.23 16.22 2.46
C GLN A 176 -11.02 14.78 2.92
N PHE A 177 -11.21 14.54 4.22
CA PHE A 177 -11.04 13.15 4.67
C PHE A 177 -11.83 12.81 5.93
N CYS A 178 -12.07 11.50 6.07
CA CYS A 178 -12.69 10.93 7.28
C CYS A 178 -12.15 9.51 7.44
N ILE A 179 -11.35 9.28 8.47
CA ILE A 179 -10.54 8.08 8.63
C ILE A 179 -10.75 7.49 10.02
N LYS A 180 -11.17 6.24 10.07
CA LYS A 180 -11.37 5.60 11.37
C LYS A 180 -10.04 5.41 12.08
N VAL A 181 -10.02 5.74 13.36
CA VAL A 181 -8.91 5.41 14.25
C VAL A 181 -9.44 4.43 15.29
N LEU A 182 -9.12 3.15 15.10
CA LEU A 182 -9.71 2.09 15.91
C LEU A 182 -9.33 2.21 17.38
N ASN A 183 -8.04 2.38 17.65
CA ASN A 183 -7.47 2.52 19.00
C ASN A 183 -6.70 3.81 19.04
N PRO A 184 -7.31 4.89 19.54
CA PRO A 184 -6.65 6.20 19.57
C PRO A 184 -6.02 6.54 20.91
N TYR A 185 -6.04 5.61 21.86
CA TYR A 185 -5.54 5.93 23.20
C TYR A 185 -4.14 5.42 23.48
N MET A 186 -3.64 4.48 22.70
CA MET A 186 -2.28 4.01 22.91
C MET A 186 -1.28 5.12 22.61
N PRO A 187 -0.29 5.33 23.48
CA PRO A 187 0.65 6.45 23.27
C PRO A 187 1.27 6.52 21.88
N THR A 188 1.61 5.39 21.28
CA THR A 188 2.28 5.43 19.98
C THR A 188 1.34 5.94 18.91
N VAL A 189 0.07 5.55 18.99
CA VAL A 189 -0.92 6.08 18.06
C VAL A 189 -1.04 7.58 18.20
N ILE A 190 -1.17 8.07 19.45
CA ILE A 190 -1.24 9.50 19.71
C ILE A 190 -0.11 10.22 18.97
N GLU A 191 1.12 9.75 19.19
CA GLU A 191 2.27 10.39 18.55
C GLU A 191 2.10 10.47 17.04
N HIS A 192 1.57 9.42 16.43
CA HIS A 192 1.35 9.45 14.98
C HIS A 192 0.27 10.45 14.60
N LEU A 193 -0.86 10.39 15.29
CA LEU A 193 -1.95 11.31 15.00
C LEU A 193 -1.51 12.76 15.15
N GLU A 194 -0.71 13.05 16.19
CA GLU A 194 -0.23 14.41 16.40
C GLU A 194 0.62 14.86 15.23
N ARG A 195 1.49 13.97 14.74
CA ARG A 195 2.29 14.29 13.56
C ARG A 195 1.39 14.50 12.34
N LEU A 196 0.36 13.69 12.20
CA LEU A 196 -0.50 13.80 11.01
C LEU A 196 -1.32 15.08 11.04
N GLN A 197 -1.88 15.43 12.20
CA GLN A 197 -2.64 16.67 12.34
C GLN A 197 -1.77 17.90 12.03
N ARG A 198 -0.50 17.85 12.43
CA ARG A 198 0.43 18.94 12.11
C ARG A 198 0.58 19.12 10.61
N LYS A 199 0.72 18.02 9.87
CA LYS A 199 0.90 18.11 8.42
C LYS A 199 -0.41 18.33 7.70
N HIS A 200 -1.47 17.59 8.04
CA HIS A 200 -2.71 17.68 7.29
C HIS A 200 -3.90 18.27 8.04
N GLY A 201 -3.73 18.68 9.28
CA GLY A 201 -4.82 19.34 9.99
C GLY A 201 -5.88 18.36 10.44
N GLY A 202 -7.10 18.87 10.61
CA GLY A 202 -8.19 18.06 11.14
C GLY A 202 -8.16 17.87 12.67
N MET A 203 -9.09 17.02 13.10
CA MET A 203 -9.42 16.73 14.49
C MET A 203 -10.00 15.33 14.58
N LEU A 204 -9.84 14.69 15.75
CA LEU A 204 -10.52 13.45 16.07
C LEU A 204 -11.83 13.71 16.77
N VAL A 205 -12.85 12.94 16.39
CA VAL A 205 -14.22 13.16 16.82
C VAL A 205 -14.86 11.83 17.11
N ARG A 206 -15.60 11.77 18.22
CA ARG A 206 -16.36 10.60 18.62
C ARG A 206 -17.76 10.74 18.04
N ASN A 207 -18.17 9.76 17.25
CA ASN A 207 -19.50 9.69 16.69
C ASN A 207 -20.45 9.08 17.72
N PRO A 208 -21.63 9.71 17.94
CA PRO A 208 -22.57 9.19 18.94
C PRO A 208 -23.15 7.85 18.60
N LEU A 209 -23.08 7.46 17.33
CA LEU A 209 -23.62 6.19 16.86
C LEU A 209 -22.66 5.02 17.05
N SER A 210 -21.43 5.29 17.45
CA SER A 210 -20.49 4.25 17.79
C SER A 210 -20.87 3.56 19.13
N ARG A 211 -20.68 2.25 19.20
CA ARG A 211 -21.04 1.50 20.40
C ARG A 211 -19.99 1.67 21.48
N ASN A 212 -20.40 1.44 22.74
CA ASN A 212 -19.44 1.54 23.83
C ASN A 212 -18.39 0.43 23.76
N SER A 213 -18.64 -0.61 22.96
CA SER A 213 -17.76 -1.74 22.76
C SER A 213 -16.54 -1.40 21.94
N THR A 214 -16.45 -0.18 21.43
CA THR A 214 -15.28 0.24 20.69
C THR A 214 -14.93 1.67 21.05
N HIS A 215 -13.64 1.96 21.10
CA HIS A 215 -13.11 3.27 21.41
C HIS A 215 -12.82 4.06 20.14
N GLU A 216 -13.31 3.57 18.99
CA GLU A 216 -13.04 4.19 17.70
C GLU A 216 -13.35 5.68 17.72
N MET A 217 -12.48 6.45 17.08
CA MET A 217 -12.74 7.84 16.82
C MET A 217 -12.36 8.08 15.36
N TYR A 218 -12.84 9.17 14.81
CA TYR A 218 -12.64 9.43 13.38
C TYR A 218 -11.82 10.71 13.27
N TRP A 219 -10.75 10.64 12.47
CA TRP A 219 -9.92 11.78 12.11
C TRP A 219 -10.59 12.42 10.90
N ILE A 220 -11.15 13.64 11.08
CA ILE A 220 -11.86 14.34 10.04
C ILE A 220 -11.11 15.62 9.68
N SER A 221 -11.29 16.08 8.43
CA SER A 221 -10.47 17.15 7.87
C SER A 221 -10.86 18.55 8.38
N ASN A 222 -12.14 18.81 8.68
CA ASN A 222 -12.59 20.15 9.07
C ASN A 222 -12.87 20.30 10.55
N GLY A 223 -11.80 20.57 11.27
CA GLY A 223 -11.86 20.79 12.69
C GLY A 223 -10.47 21.06 13.21
N THR A 224 -10.43 21.53 14.46
CA THR A 224 -9.21 21.83 15.19
C THR A 224 -9.40 21.29 16.59
N GLY A 225 -8.31 21.12 17.31
CA GLY A 225 -8.47 20.71 18.69
C GLY A 225 -7.30 19.90 19.22
N ASN A 226 -7.40 19.59 20.50
CA ASN A 226 -6.37 18.83 21.18
C ASN A 226 -6.75 17.36 21.13
N ILE A 227 -5.89 16.53 20.53
CA ILE A 227 -6.21 15.12 20.36
C ILE A 227 -6.24 14.40 21.70
N VAL A 228 -5.18 14.58 22.53
CA VAL A 228 -5.11 13.88 23.81
C VAL A 228 -6.35 14.17 24.64
N SER A 229 -6.84 15.41 24.59
N SER A 229 -6.84 15.41 24.59
CA SER A 229 -8.01 15.79 25.38
CA SER A 229 -8.01 15.79 25.37
C SER A 229 -9.27 15.09 24.88
C SER A 229 -9.26 15.09 24.87
N SER A 230 -9.44 15.03 23.55
CA SER A 230 -10.64 14.39 23.00
C SER A 230 -10.65 12.91 23.29
N VAL A 231 -9.48 12.26 23.19
CA VAL A 231 -9.36 10.84 23.51
C VAL A 231 -9.66 10.58 24.99
N ASN A 232 -9.05 11.34 25.89
CA ASN A 232 -9.29 11.07 27.31
C ASN A 232 -10.76 11.26 27.68
N MET A 233 -11.42 12.26 27.07
CA MET A 233 -12.85 12.45 27.33
C MET A 233 -13.68 11.21 26.96
N VAL A 234 -13.30 10.52 25.88
CA VAL A 234 -14.05 9.32 25.48
C VAL A 234 -13.80 8.19 26.46
N SER A 235 -12.53 7.99 26.87
CA SER A 235 -12.23 6.98 27.86
C SER A 235 -12.99 7.23 29.17
N ARG A 236 -13.09 8.49 29.58
CA ARG A 236 -13.87 8.81 30.77
CA ARG A 236 -13.87 8.83 30.76
C ARG A 236 -15.34 8.46 30.56
N LEU A 237 -15.88 8.81 29.39
CA LEU A 237 -17.27 8.53 29.04
C LEU A 237 -17.56 7.04 29.02
N LEU A 238 -16.70 6.26 28.39
CA LEU A 238 -16.92 4.82 28.30
C LEU A 238 -16.74 4.15 29.65
N LEU A 239 -15.79 4.63 30.46
CA LEU A 239 -15.64 4.09 31.82
C LEU A 239 -16.86 4.38 32.67
N ASN A 240 -17.42 5.58 32.53
CA ASN A 240 -18.58 5.94 33.34
C ASN A 240 -19.77 5.08 32.97
N ARG A 241 -19.85 4.62 31.73
CA ARG A 241 -21.02 3.86 31.33
C ARG A 241 -21.01 2.43 31.85
N PHE A 242 -19.89 1.95 32.42
CA PHE A 242 -19.90 0.67 33.15
C PHE A 242 -20.73 0.80 34.42
N THR A 243 -20.63 1.95 35.07
CA THR A 243 -21.08 2.14 36.45
C THR A 243 -22.59 2.24 36.61
N MET A 244 -23.36 2.26 35.54
CA MET A 244 -24.79 2.48 35.62
C MET A 244 -25.51 1.29 34.99
N THR A 245 -26.75 1.08 35.43
CA THR A 245 -27.64 0.14 34.74
C THR A 245 -27.85 0.60 33.29
N HIS A 246 -28.01 -0.36 32.38
CA HIS A 246 -28.11 -0.05 30.95
C HIS A 246 -29.14 1.06 30.75
N ARG A 247 -28.73 2.12 30.05
CA ARG A 247 -29.63 3.14 29.52
C ARG A 247 -29.99 2.78 28.09
N ARG A 248 -31.28 2.74 27.77
CA ARG A 248 -31.61 2.32 26.42
C ARG A 248 -31.14 3.37 25.40
N PRO A 249 -30.75 2.92 24.22
CA PRO A 249 -30.19 3.84 23.21
C PRO A 249 -31.21 4.81 22.63
N THR A 250 -30.74 6.01 22.38
CA THR A 250 -31.57 7.03 21.73
C THR A 250 -31.79 6.62 20.29
N ILE A 251 -33.06 6.37 19.92
CA ILE A 251 -33.40 5.82 18.62
C ILE A 251 -33.70 6.94 17.66
N GLU A 252 -33.11 6.88 16.48
CA GLU A 252 -33.30 7.89 15.46
C GLU A 252 -33.76 7.20 14.17
N LYS A 253 -34.23 8.02 13.24
CA LYS A 253 -34.72 7.51 11.96
C LYS A 253 -33.55 7.21 11.03
N ASP A 254 -33.63 6.08 10.34
CA ASP A 254 -32.58 5.74 9.39
C ASP A 254 -32.69 6.62 8.15
N VAL A 255 -31.63 6.61 7.34
CA VAL A 255 -31.53 7.53 6.20
C VAL A 255 -32.30 6.95 5.01
N ASP A 256 -32.87 7.84 4.20
CA ASP A 256 -33.57 7.51 2.95
C ASP A 256 -32.67 7.97 1.80
N LEU A 257 -32.06 7.03 1.10
CA LEU A 257 -31.09 7.39 0.06
C LEU A 257 -31.73 7.57 -1.32
N GLY A 258 -33.02 7.41 -1.45
CA GLY A 258 -33.69 7.84 -2.68
C GLY A 258 -33.55 6.85 -3.82
N ALA A 259 -33.70 7.38 -5.02
CA ALA A 259 -33.66 6.54 -6.23
C ALA A 259 -33.25 7.41 -7.40
N GLY A 260 -32.70 6.77 -8.42
CA GLY A 260 -32.52 7.36 -9.72
C GLY A 260 -31.08 7.76 -10.01
N THR A 261 -30.81 8.02 -11.28
CA THR A 261 -29.50 8.53 -11.68
C THR A 261 -29.32 9.98 -11.22
N ARG A 262 -28.10 10.46 -11.35
CA ARG A 262 -27.75 11.86 -11.11
C ARG A 262 -26.99 12.34 -12.33
N HIS A 263 -26.97 13.65 -12.53
CA HIS A 263 -26.47 14.22 -13.77
C HIS A 263 -24.95 14.17 -13.88
N GLU B 7 25.67 3.10 14.61
CA GLU B 7 25.59 2.84 13.19
C GLU B 7 24.54 1.76 12.86
N THR B 8 24.18 1.70 11.59
CA THR B 8 23.08 0.85 11.16
C THR B 8 23.56 -0.59 10.95
N LEU B 9 22.60 -1.50 11.08
CA LEU B 9 22.93 -2.92 11.01
C LEU B 9 23.49 -3.28 9.65
N GLY B 10 22.97 -2.67 8.58
CA GLY B 10 23.52 -2.91 7.25
C GLY B 10 24.92 -2.36 7.10
N GLU B 11 25.28 -1.30 7.85
CA GLU B 11 26.65 -0.82 7.81
C GLU B 11 27.60 -1.87 8.40
N LYS B 12 27.17 -2.54 9.46
CA LYS B 12 27.98 -3.61 10.02
C LYS B 12 28.09 -4.77 9.04
N TRP B 13 27.01 -5.07 8.33
CA TRP B 13 27.04 -6.13 7.33
C TRP B 13 28.07 -5.84 6.25
N LYS B 14 28.08 -4.61 5.71
CA LYS B 14 29.04 -4.23 4.67
C LYS B 14 30.48 -4.34 5.15
N LYS B 15 30.74 -3.95 6.40
CA LYS B 15 32.08 -4.11 6.99
C LYS B 15 32.47 -5.59 7.09
N LYS B 16 31.57 -6.41 7.67
CA LYS B 16 31.80 -7.85 7.70
C LYS B 16 32.02 -8.39 6.29
N LEU B 17 31.21 -7.93 5.33
CA LEU B 17 31.40 -8.42 3.98
C LEU B 17 32.80 -8.10 3.48
N ASN B 18 33.28 -6.89 3.72
CA ASN B 18 34.53 -6.46 3.10
C ASN B 18 35.73 -7.15 3.73
N GLN B 19 35.75 -7.31 5.07
CA GLN B 19 36.84 -8.02 5.74
C GLN B 19 36.78 -9.54 5.56
N LEU B 20 36.02 -10.02 4.56
CA LEU B 20 35.98 -11.43 4.23
C LEU B 20 37.17 -11.75 3.34
N SER B 21 37.59 -13.02 3.36
CA SER B 21 38.63 -13.51 2.43
C SER B 21 37.90 -13.89 1.15
N ARG B 22 38.59 -14.27 0.07
CA ARG B 22 37.99 -14.52 -1.26
C ARG B 22 37.17 -15.82 -1.32
N LYS B 23 37.72 -16.94 -0.86
CA LYS B 23 37.00 -18.24 -0.83
C LYS B 23 35.70 -18.06 -0.03
N GLU B 24 35.74 -17.42 1.13
CA GLU B 24 34.55 -17.18 1.94
C GLU B 24 33.52 -16.37 1.17
N PHE B 25 33.96 -15.40 0.37
CA PHE B 25 33.02 -14.54 -0.34
C PHE B 25 32.25 -15.31 -1.41
N ASP B 26 32.95 -16.09 -2.25
CA ASP B 26 32.25 -16.83 -3.28
C ASP B 26 31.32 -17.89 -2.71
N LEU B 27 31.55 -18.36 -1.49
CA LEU B 27 30.59 -19.26 -0.85
C LEU B 27 29.37 -18.47 -0.35
N TYR B 28 29.64 -17.49 0.51
CA TYR B 28 28.60 -16.62 1.05
C TYR B 28 27.66 -16.10 -0.03
N LYS B 29 28.22 -15.61 -1.13
CA LYS B 29 27.50 -14.90 -2.19
C LYS B 29 26.19 -15.53 -2.62
N LYS B 30 26.17 -16.86 -2.68
CA LYS B 30 25.02 -17.58 -3.19
C LYS B 30 24.39 -18.49 -2.17
N SER B 31 24.91 -18.55 -0.96
CA SER B 31 24.32 -19.43 0.05
C SER B 31 22.87 -19.10 0.29
N GLY B 32 21.99 -20.06 0.04
CA GLY B 32 20.57 -19.88 0.31
C GLY B 32 19.80 -19.06 -0.72
N ILE B 33 20.46 -18.46 -1.72
CA ILE B 33 19.72 -17.66 -2.69
C ILE B 33 19.00 -18.53 -3.72
N THR B 34 18.14 -17.92 -4.53
CA THR B 34 17.50 -18.54 -5.69
C THR B 34 18.21 -18.04 -6.95
N GLU B 35 18.28 -18.91 -7.97
CA GLU B 35 19.06 -18.67 -9.18
C GLU B 35 18.42 -19.39 -10.37
N VAL B 36 18.42 -18.75 -11.53
CA VAL B 36 17.90 -19.41 -12.72
C VAL B 36 19.08 -20.02 -13.48
N ASP B 37 18.82 -21.14 -14.13
CA ASP B 37 19.83 -21.81 -14.92
C ASP B 37 19.95 -21.12 -16.27
N ARG B 38 21.08 -20.45 -16.53
CA ARG B 38 21.26 -19.67 -17.75
C ARG B 38 22.11 -20.35 -18.82
N THR B 39 22.57 -21.57 -18.58
CA THR B 39 23.56 -22.15 -19.48
C THR B 39 22.99 -22.33 -20.89
N GLU B 40 21.84 -22.97 -20.99
CA GLU B 40 21.15 -23.07 -22.27
C GLU B 40 20.97 -21.70 -22.91
N ALA B 41 20.49 -20.73 -22.13
CA ALA B 41 20.25 -19.40 -22.69
C ALA B 41 21.54 -18.80 -23.22
N LYS B 42 22.62 -18.91 -22.46
CA LYS B 42 23.89 -18.33 -22.86
C LYS B 42 24.42 -18.91 -24.16
N GLU B 43 24.31 -20.24 -24.32
CA GLU B 43 24.81 -20.88 -25.52
C GLU B 43 23.93 -20.58 -26.73
N GLY B 44 22.60 -20.46 -26.54
CA GLY B 44 21.74 -20.07 -27.64
C GLY B 44 22.01 -18.66 -28.13
N LEU B 45 22.24 -17.75 -27.19
CA LEU B 45 22.58 -16.38 -27.53
C LEU B 45 23.91 -16.31 -28.26
N LYS B 46 24.86 -17.17 -27.90
CA LYS B 46 26.12 -17.24 -28.64
C LYS B 46 25.88 -17.63 -30.09
N ARG B 47 24.96 -18.57 -30.32
CA ARG B 47 24.62 -19.01 -31.66
C ARG B 47 23.70 -18.04 -32.41
N GLY B 48 23.41 -16.88 -31.82
CA GLY B 48 22.61 -15.87 -32.47
C GLY B 48 21.11 -16.08 -32.42
N GLU B 49 20.65 -17.02 -31.61
CA GLU B 49 19.22 -17.30 -31.56
C GLU B 49 18.50 -16.12 -30.91
N THR B 50 17.34 -15.78 -31.46
CA THR B 50 16.57 -14.61 -31.12
C THR B 50 15.23 -14.94 -30.48
N THR B 51 14.93 -16.21 -30.29
CA THR B 51 13.64 -16.65 -29.77
C THR B 51 13.82 -17.36 -28.44
N HIS B 52 12.82 -17.24 -27.57
CA HIS B 52 12.68 -17.93 -26.29
C HIS B 52 13.61 -17.38 -25.22
N HIS B 53 14.88 -17.16 -25.54
CA HIS B 53 15.87 -16.81 -24.53
C HIS B 53 15.65 -15.39 -23.98
N ALA B 54 15.83 -15.25 -22.65
CA ALA B 54 16.02 -13.95 -22.03
C ALA B 54 17.47 -13.48 -22.23
N VAL B 55 17.63 -12.18 -22.50
CA VAL B 55 18.97 -11.67 -22.75
C VAL B 55 19.82 -11.57 -21.48
N SER B 56 19.24 -11.79 -20.32
CA SER B 56 19.93 -11.61 -19.04
C SER B 56 19.15 -12.30 -17.93
N ARG B 57 19.76 -12.36 -16.76
CA ARG B 57 19.04 -12.82 -15.56
C ARG B 57 17.94 -11.85 -15.16
N GLY B 58 17.84 -10.73 -15.86
CA GLY B 58 16.90 -9.67 -15.48
C GLY B 58 15.46 -10.08 -15.68
N SER B 59 15.17 -10.80 -16.76
CA SER B 59 13.78 -11.14 -17.03
C SER B 59 13.19 -11.93 -15.87
N ALA B 60 13.88 -12.97 -15.43
CA ALA B 60 13.41 -13.79 -14.31
C ALA B 60 13.33 -12.98 -13.01
N LYS B 61 14.28 -12.07 -12.80
CA LYS B 61 14.25 -11.24 -11.59
C LYS B 61 12.99 -10.37 -11.53
N LEU B 62 12.65 -9.69 -12.64
CA LEU B 62 11.40 -8.91 -12.67
C LEU B 62 10.18 -9.80 -12.53
N GLN B 63 10.20 -10.96 -13.19
CA GLN B 63 9.04 -11.83 -13.12
C GLN B 63 8.68 -12.15 -11.67
N TRP B 64 9.69 -12.31 -10.80
CA TRP B 64 9.40 -12.61 -9.40
C TRP B 64 8.45 -11.57 -8.82
N PHE B 65 8.76 -10.29 -9.02
CA PHE B 65 7.86 -9.25 -8.54
C PHE B 65 6.51 -9.32 -9.24
N VAL B 66 6.50 -9.44 -10.57
CA VAL B 66 5.25 -9.33 -11.31
C VAL B 66 4.30 -10.48 -10.96
N GLU B 67 4.82 -11.69 -10.79
CA GLU B 67 3.92 -12.81 -10.46
C GLU B 67 3.41 -12.75 -9.03
N ARG B 68 3.92 -11.83 -8.21
CA ARG B 68 3.40 -11.58 -6.87
C ARG B 68 2.63 -10.27 -6.78
N ASN B 69 2.29 -9.66 -7.92
CA ASN B 69 1.46 -8.44 -7.99
C ASN B 69 2.12 -7.23 -7.33
N MET B 70 3.42 -7.28 -7.15
CA MET B 70 4.13 -6.15 -6.56
C MET B 70 4.18 -4.95 -7.51
N VAL B 71 4.35 -5.22 -8.79
CA VAL B 71 4.23 -4.22 -9.84
C VAL B 71 3.45 -4.87 -10.97
N ILE B 72 2.55 -4.12 -11.59
CA ILE B 72 1.75 -4.65 -12.69
C ILE B 72 2.06 -3.85 -13.95
N PRO B 73 3.05 -4.27 -14.74
CA PRO B 73 3.31 -3.58 -16.01
C PRO B 73 2.06 -3.47 -16.87
N GLU B 74 1.82 -2.26 -17.40
CA GLU B 74 0.65 -2.03 -18.25
C GLU B 74 0.89 -0.78 -19.10
N GLY B 75 0.11 -0.66 -20.18
CA GLY B 75 0.23 0.48 -21.09
C GLY B 75 1.63 0.78 -21.55
N ARG B 76 2.01 2.06 -21.51
CA ARG B 76 3.37 2.52 -21.83
C ARG B 76 4.33 2.24 -20.66
N VAL B 77 5.37 1.44 -20.89
CA VAL B 77 6.35 1.04 -19.88
C VAL B 77 7.64 1.76 -20.21
N ILE B 78 8.22 2.45 -19.24
CA ILE B 78 9.55 3.03 -19.38
C ILE B 78 10.53 2.21 -18.55
N ASP B 79 11.63 1.79 -19.17
CA ASP B 79 12.67 0.97 -18.58
C ASP B 79 13.96 1.76 -18.56
N LEU B 80 14.26 2.37 -17.41
CA LEU B 80 15.45 3.20 -17.25
C LEU B 80 16.61 2.31 -16.81
N GLY B 81 17.74 2.43 -17.49
CA GLY B 81 18.84 1.47 -17.32
C GLY B 81 18.54 0.09 -17.89
N CYS B 82 18.01 0.01 -19.13
CA CYS B 82 17.56 -1.28 -19.66
C CYS B 82 18.69 -2.23 -19.99
N GLY B 83 19.88 -1.73 -20.25
CA GLY B 83 20.99 -2.62 -20.53
C GLY B 83 20.72 -3.50 -21.71
N ARG B 84 20.91 -4.82 -21.56
CA ARG B 84 20.66 -5.74 -22.67
C ARG B 84 19.19 -5.80 -23.06
N GLY B 85 18.29 -5.56 -22.09
CA GLY B 85 16.86 -5.46 -22.35
C GLY B 85 16.00 -6.49 -21.64
N GLY B 86 16.54 -7.18 -20.62
CA GLY B 86 15.79 -8.25 -19.97
C GLY B 86 14.44 -7.82 -19.41
N TRP B 87 14.39 -6.66 -18.74
CA TRP B 87 13.11 -6.22 -18.19
C TRP B 87 12.14 -5.83 -19.30
N SER B 88 12.63 -5.14 -20.34
CA SER B 88 11.77 -4.69 -21.43
C SER B 88 11.18 -5.86 -22.21
N TYR B 89 12.02 -6.86 -22.55
CA TYR B 89 11.54 -7.98 -23.34
C TYR B 89 10.52 -8.80 -22.56
N TYR B 90 10.72 -8.94 -21.25
CA TYR B 90 9.75 -9.64 -20.42
C TYR B 90 8.42 -8.90 -20.45
N CYS B 91 8.45 -7.59 -20.22
CA CYS B 91 7.21 -6.82 -20.18
C CYS B 91 6.50 -6.85 -21.51
N ALA B 92 7.27 -7.04 -22.60
CA ALA B 92 6.72 -6.94 -23.95
C ALA B 92 5.75 -8.09 -24.29
N GLY B 93 5.78 -9.17 -23.54
CA GLY B 93 4.84 -10.26 -23.73
C GLY B 93 3.63 -10.25 -22.79
N LEU B 94 3.56 -9.34 -21.84
CA LEU B 94 2.41 -9.25 -20.94
C LEU B 94 1.22 -8.60 -21.64
N LYS B 95 0.04 -9.15 -21.41
CA LYS B 95 -1.15 -8.72 -22.15
C LYS B 95 -1.49 -7.24 -21.95
N LYS B 96 -1.40 -6.73 -20.69
CA LYS B 96 -1.76 -5.34 -20.39
C LYS B 96 -0.76 -4.30 -20.90
N VAL B 97 0.43 -4.73 -21.34
CA VAL B 97 1.44 -3.80 -21.84
C VAL B 97 1.21 -3.51 -23.32
N THR B 98 1.32 -2.22 -23.68
CA THR B 98 1.08 -1.73 -25.03
C THR B 98 2.30 -1.14 -25.72
N GLU B 99 3.33 -0.75 -24.97
CA GLU B 99 4.51 -0.12 -25.55
C GLU B 99 5.61 -0.20 -24.53
N VAL B 100 6.82 -0.53 -24.97
CA VAL B 100 7.98 -0.58 -24.08
C VAL B 100 9.11 0.25 -24.68
N ARG B 101 9.63 1.19 -23.91
CA ARG B 101 10.69 2.10 -24.34
C ARG B 101 11.82 1.98 -23.32
N GLY B 102 12.95 1.43 -23.74
CA GLY B 102 14.10 1.24 -22.86
C GLY B 102 15.23 2.20 -23.16
N TYR B 103 15.90 2.67 -22.10
CA TYR B 103 16.99 3.64 -22.20
C TYR B 103 18.19 3.15 -21.41
N THR B 104 19.36 3.18 -22.04
CA THR B 104 20.58 2.73 -21.35
C THR B 104 21.79 3.48 -21.90
N LYS B 105 22.82 3.54 -21.06
CA LYS B 105 24.01 4.35 -21.32
C LYS B 105 24.96 3.69 -22.33
N GLY B 106 25.26 2.41 -22.18
CA GLY B 106 26.10 1.83 -23.21
C GLY B 106 27.49 2.46 -23.22
N GLY B 107 28.22 2.18 -24.29
CA GLY B 107 29.58 2.67 -24.40
C GLY B 107 30.53 1.80 -23.60
N PRO B 108 31.78 2.23 -23.50
CA PRO B 108 32.78 1.44 -22.76
C PRO B 108 32.32 1.16 -21.33
N GLY B 109 32.35 -0.12 -20.96
CA GLY B 109 32.00 -0.54 -19.62
C GLY B 109 30.53 -0.71 -19.36
N HIS B 110 29.67 -0.52 -20.36
CA HIS B 110 28.23 -0.57 -20.15
C HIS B 110 27.57 -1.46 -21.20
N GLU B 111 26.70 -2.35 -20.73
CA GLU B 111 26.06 -3.31 -21.62
C GLU B 111 25.27 -2.57 -22.70
N GLU B 112 25.18 -3.20 -23.87
CA GLU B 112 24.45 -2.63 -24.99
C GLU B 112 23.14 -3.38 -25.20
N PRO B 113 22.12 -2.73 -25.74
CA PRO B 113 20.85 -3.43 -25.98
C PRO B 113 21.03 -4.55 -27.00
N VAL B 114 20.42 -5.70 -26.72
CA VAL B 114 20.53 -6.90 -27.52
C VAL B 114 19.22 -7.07 -28.30
N PRO B 115 19.26 -7.06 -29.65
CA PRO B 115 18.02 -7.24 -30.45
C PRO B 115 17.48 -8.66 -30.35
N MET B 116 16.18 -8.79 -30.10
CA MET B 116 15.56 -10.11 -29.97
C MET B 116 14.21 -10.13 -30.67
N SER B 117 13.73 -11.35 -30.92
CA SER B 117 12.43 -11.59 -31.52
C SER B 117 11.55 -12.43 -30.62
N THR B 118 11.74 -12.31 -29.31
CA THR B 118 10.84 -12.93 -28.36
C THR B 118 9.46 -12.30 -28.45
N TYR B 119 8.48 -12.96 -27.82
CA TYR B 119 7.08 -12.58 -27.99
C TYR B 119 6.88 -11.12 -27.60
N GLY B 120 6.30 -10.35 -28.51
CA GLY B 120 6.02 -8.94 -28.27
C GLY B 120 7.13 -7.98 -28.68
N TRP B 121 8.20 -8.47 -29.28
CA TRP B 121 9.36 -7.65 -29.58
C TRP B 121 9.01 -6.42 -30.39
N ASN B 122 7.96 -6.49 -31.21
CA ASN B 122 7.62 -5.35 -32.08
C ASN B 122 7.14 -4.13 -31.30
N ILE B 123 6.81 -4.26 -30.01
CA ILE B 123 6.41 -3.09 -29.22
C ILE B 123 7.53 -2.53 -28.34
N VAL B 124 8.77 -3.02 -28.53
CA VAL B 124 9.94 -2.58 -27.77
C VAL B 124 10.80 -1.66 -28.62
N LYS B 125 11.27 -0.57 -28.03
CA LYS B 125 12.31 0.26 -28.63
C LYS B 125 13.34 0.54 -27.53
N LEU B 126 14.52 -0.06 -27.69
CA LEU B 126 15.65 0.07 -26.76
C LEU B 126 16.69 1.01 -27.36
N MET B 127 17.14 2.00 -26.60
CA MET B 127 18.01 3.05 -27.14
C MET B 127 19.27 3.19 -26.31
N SER B 128 20.43 2.93 -26.93
CA SER B 128 21.70 3.15 -26.27
C SER B 128 22.11 4.62 -26.38
N GLY B 129 23.28 4.94 -25.83
CA GLY B 129 23.71 6.33 -25.79
C GLY B 129 22.75 7.26 -25.09
N LYS B 130 22.13 6.80 -24.00
CA LYS B 130 21.05 7.55 -23.36
C LYS B 130 21.30 7.58 -21.85
N ASP B 131 21.76 8.75 -21.37
CA ASP B 131 21.94 8.98 -19.94
C ASP B 131 20.61 9.41 -19.34
N VAL B 132 20.08 8.58 -18.43
CA VAL B 132 18.75 8.86 -17.93
C VAL B 132 18.76 10.05 -16.98
N PHE B 133 19.93 10.40 -16.44
CA PHE B 133 20.01 11.59 -15.58
C PHE B 133 19.75 12.87 -16.38
N TYR B 134 19.91 12.81 -17.70
CA TYR B 134 19.65 13.94 -18.60
C TYR B 134 18.52 13.62 -19.58
N LEU B 135 17.74 12.56 -19.29
CA LEU B 135 16.55 12.22 -20.05
C LEU B 135 15.33 12.96 -19.48
N PRO B 136 14.59 13.70 -20.30
CA PRO B 136 13.43 14.44 -19.79
C PRO B 136 12.29 13.52 -19.40
N PRO B 137 11.69 13.71 -18.21
CA PRO B 137 10.57 12.85 -17.79
C PRO B 137 9.43 12.88 -18.79
N GLU B 138 8.82 11.71 -19.02
CA GLU B 138 7.71 11.52 -19.95
C GLU B 138 6.52 10.87 -19.25
N LYS B 139 5.33 11.06 -19.80
CA LYS B 139 4.15 10.36 -19.29
C LYS B 139 4.30 8.85 -19.53
N CYS B 140 3.94 8.06 -18.53
CA CYS B 140 4.01 6.61 -18.64
C CYS B 140 3.07 6.00 -17.61
N ASP B 141 2.68 4.75 -17.85
CA ASP B 141 1.83 4.02 -16.91
C ASP B 141 2.61 3.08 -15.99
N THR B 142 3.86 2.73 -16.37
CA THR B 142 4.76 1.90 -15.57
C THR B 142 6.17 2.45 -15.70
N LEU B 143 6.80 2.72 -14.57
CA LEU B 143 8.16 3.22 -14.50
C LEU B 143 9.04 2.13 -13.90
N LEU B 144 9.97 1.59 -14.69
CA LEU B 144 10.91 0.61 -14.21
C LEU B 144 12.30 1.20 -14.19
N CYS B 145 13.06 0.94 -13.14
CA CYS B 145 14.43 1.45 -13.08
C CYS B 145 15.32 0.49 -12.30
N ASP B 146 16.45 0.09 -12.91
CA ASP B 146 17.37 -0.92 -12.39
C ASP B 146 18.80 -0.40 -12.32
N ILE B 147 18.97 0.90 -11.97
CA ILE B 147 20.29 1.52 -11.92
C ILE B 147 20.83 1.57 -10.51
N GLY B 148 22.11 1.22 -10.39
CA GLY B 148 22.80 1.20 -9.10
C GLY B 148 24.10 0.43 -9.14
N GLU B 149 25.23 1.13 -9.19
CA GLU B 149 26.56 0.52 -9.27
C GLU B 149 27.14 0.35 -7.88
N SER B 150 27.53 -0.88 -7.54
CA SER B 150 28.10 -1.19 -6.25
C SER B 150 29.48 -0.56 -6.05
N SER B 151 29.82 -0.36 -4.78
CA SER B 151 31.14 0.12 -4.40
C SER B 151 31.48 -0.44 -3.04
N PRO B 152 32.77 -0.61 -2.72
CA PRO B 152 33.14 -1.04 -1.35
C PRO B 152 32.78 0.01 -0.31
N SER B 153 32.68 1.26 -0.73
CA SER B 153 32.31 2.34 0.15
C SER B 153 30.80 2.47 0.20
N PRO B 154 30.16 2.24 1.36
CA PRO B 154 28.71 2.54 1.44
C PRO B 154 28.40 4.01 1.22
N THR B 155 29.31 4.92 1.56
CA THR B 155 29.06 6.34 1.32
C THR B 155 29.00 6.66 -0.18
N VAL B 156 29.79 5.95 -0.99
CA VAL B 156 29.67 6.13 -2.43
C VAL B 156 28.36 5.56 -2.92
N GLU B 157 27.97 4.39 -2.40
CA GLU B 157 26.70 3.80 -2.79
C GLU B 157 25.53 4.68 -2.34
N GLU B 158 25.65 5.26 -1.13
CA GLU B 158 24.66 6.20 -0.61
C GLU B 158 24.43 7.35 -1.59
N SER B 159 25.52 7.97 -2.07
CA SER B 159 25.41 9.09 -3.00
C SER B 159 24.77 8.68 -4.32
N ARG B 160 25.15 7.49 -4.85
CA ARG B 160 24.60 6.97 -6.10
C ARG B 160 23.11 6.65 -5.96
N THR B 161 22.71 6.10 -4.80
CA THR B 161 21.30 5.79 -4.56
C THR B 161 20.48 7.08 -4.46
N ILE B 162 20.95 8.08 -3.72
CA ILE B 162 20.17 9.33 -3.66
C ILE B 162 20.02 9.95 -5.06
N ARG B 163 21.05 9.84 -5.89
CA ARG B 163 20.99 10.44 -7.22
C ARG B 163 19.86 9.83 -8.02
N VAL B 164 19.77 8.51 -8.02
CA VAL B 164 18.71 7.80 -8.71
C VAL B 164 17.36 8.18 -8.13
N LEU B 165 17.25 8.22 -6.81
CA LEU B 165 15.95 8.51 -6.19
C LEU B 165 15.48 9.92 -6.54
N LYS B 166 16.42 10.86 -6.65
CA LYS B 166 16.04 12.21 -7.10
C LYS B 166 15.66 12.21 -8.58
N MET B 167 16.35 11.40 -9.38
CA MET B 167 16.03 11.32 -10.79
C MET B 167 14.67 10.68 -11.03
N VAL B 168 14.32 9.62 -10.30
CA VAL B 168 13.12 8.88 -10.65
C VAL B 168 11.86 9.63 -10.25
N GLU B 169 11.91 10.36 -9.15
CA GLU B 169 10.72 10.94 -8.56
C GLU B 169 9.81 11.68 -9.55
N PRO B 170 10.31 12.58 -10.39
CA PRO B 170 9.41 13.31 -11.30
C PRO B 170 8.75 12.40 -12.34
N TRP B 171 9.25 11.17 -12.54
CA TRP B 171 8.61 10.22 -13.42
C TRP B 171 7.37 9.60 -12.79
N LEU B 172 7.15 9.77 -11.50
CA LEU B 172 6.12 9.05 -10.77
C LEU B 172 4.87 9.91 -10.64
N LYS B 173 3.77 9.45 -11.25
CA LYS B 173 2.48 10.19 -11.24
C LYS B 173 1.33 9.19 -11.12
N ASN B 174 1.12 8.70 -9.90
CA ASN B 174 0.14 7.64 -9.63
C ASN B 174 0.19 6.54 -10.71
N ASN B 175 1.38 6.02 -10.94
CA ASN B 175 1.54 4.94 -11.89
C ASN B 175 2.26 3.77 -11.21
N GLN B 176 2.30 2.66 -11.91
CA GLN B 176 3.02 1.49 -11.42
C GLN B 176 4.51 1.76 -11.50
N PHE B 177 5.27 1.21 -10.55
CA PHE B 177 6.71 1.37 -10.63
C PHE B 177 7.43 0.26 -9.89
N CYS B 178 8.71 0.12 -10.22
CA CYS B 178 9.63 -0.84 -9.63
C CYS B 178 11.01 -0.24 -9.83
N ILE B 179 11.64 0.19 -8.73
CA ILE B 179 12.88 0.98 -8.74
C ILE B 179 13.91 0.33 -7.82
N LYS B 180 15.07 0.00 -8.36
CA LYS B 180 16.17 -0.50 -7.56
C LYS B 180 16.68 0.57 -6.59
N VAL B 181 16.85 0.17 -5.34
CA VAL B 181 17.47 1.00 -4.31
C VAL B 181 18.75 0.27 -3.92
N LEU B 182 19.88 0.74 -4.45
CA LEU B 182 21.15 0.02 -4.32
C LEU B 182 21.59 -0.14 -2.87
N ASN B 183 21.61 0.96 -2.13
CA ASN B 183 21.96 1.00 -0.71
C ASN B 183 20.78 1.60 0.04
N PRO B 184 19.91 0.76 0.63
CA PRO B 184 18.74 1.29 1.37
C PRO B 184 18.97 1.43 2.88
N TYR B 185 20.15 1.09 3.40
CA TYR B 185 20.33 1.07 4.85
C TYR B 185 21.02 2.31 5.43
N MET B 186 21.69 3.12 4.62
CA MET B 186 22.30 4.34 5.13
C MET B 186 21.20 5.31 5.59
N PRO B 187 21.43 6.00 6.71
CA PRO B 187 20.36 6.84 7.27
C PRO B 187 19.82 7.90 6.32
N THR B 188 20.67 8.55 5.54
CA THR B 188 20.17 9.59 4.65
C THR B 188 19.24 9.00 3.58
N VAL B 189 19.58 7.83 3.05
CA VAL B 189 18.69 7.17 2.09
C VAL B 189 17.34 6.84 2.73
N ILE B 190 17.38 6.28 3.93
CA ILE B 190 16.16 5.95 4.67
C ILE B 190 15.26 7.18 4.81
N GLU B 191 15.86 8.33 5.14
CA GLU B 191 15.09 9.56 5.21
C GLU B 191 14.45 9.89 3.86
N HIS B 192 15.22 9.81 2.78
CA HIS B 192 14.64 10.11 1.48
C HIS B 192 13.52 9.14 1.16
N LEU B 193 13.72 7.87 1.50
CA LEU B 193 12.71 6.85 1.18
C LEU B 193 11.42 7.12 1.95
N GLU B 194 11.52 7.52 3.21
CA GLU B 194 10.33 7.79 4.00
C GLU B 194 9.54 8.95 3.42
N ARG B 195 10.23 10.05 3.05
CA ARG B 195 9.60 11.15 2.32
C ARG B 195 8.95 10.67 1.03
N LEU B 196 9.66 9.85 0.27
CA LEU B 196 9.13 9.41 -1.01
C LEU B 196 7.88 8.55 -0.86
N GLN B 197 7.87 7.67 0.14
CA GLN B 197 6.71 6.83 0.41
C GLN B 197 5.51 7.68 0.85
N ARG B 198 5.72 8.69 1.70
CA ARG B 198 4.59 9.54 2.09
C ARG B 198 3.97 10.21 0.88
N LYS B 199 4.78 10.56 -0.11
CA LYS B 199 4.26 11.22 -1.30
C LYS B 199 3.73 10.24 -2.35
N HIS B 200 4.41 9.14 -2.65
CA HIS B 200 3.94 8.23 -3.70
C HIS B 200 3.52 6.86 -3.21
N GLY B 201 3.71 6.55 -1.92
CA GLY B 201 3.26 5.27 -1.46
C GLY B 201 4.25 4.17 -1.81
N GLY B 202 3.74 2.95 -1.82
CA GLY B 202 4.58 1.80 -2.10
C GLY B 202 5.37 1.31 -0.92
N MET B 203 6.23 0.33 -1.20
N MET B 203 6.29 0.38 -1.23
CA MET B 203 7.08 -0.25 -0.17
CA MET B 203 7.05 -0.34 -0.21
C MET B 203 8.35 -0.83 -0.78
C MET B 203 8.36 -0.84 -0.80
N LEU B 204 9.33 -1.10 0.09
CA LEU B 204 10.58 -1.76 -0.28
C LEU B 204 10.47 -3.29 -0.10
N VAL B 205 10.99 -4.03 -1.07
CA VAL B 205 10.94 -5.50 -1.08
C VAL B 205 12.32 -6.05 -1.43
N ARG B 206 12.60 -7.25 -0.94
CA ARG B 206 13.85 -7.96 -1.18
C ARG B 206 13.59 -9.08 -2.16
N ASN B 207 14.38 -9.13 -3.21
CA ASN B 207 14.22 -10.18 -4.23
C ASN B 207 15.12 -11.35 -3.92
N PRO B 208 14.57 -12.56 -3.77
CA PRO B 208 15.40 -13.71 -3.39
C PRO B 208 16.38 -14.10 -4.45
N LEU B 209 16.22 -13.63 -5.69
N LEU B 209 16.22 -13.63 -5.69
CA LEU B 209 17.19 -13.80 -6.76
CA LEU B 209 17.20 -13.83 -6.74
C LEU B 209 18.41 -12.92 -6.57
C LEU B 209 18.38 -12.88 -6.63
N SER B 210 18.33 -11.92 -5.70
CA SER B 210 19.50 -11.11 -5.37
C SER B 210 20.53 -11.91 -4.57
N ARG B 211 21.81 -11.68 -4.91
CA ARG B 211 22.88 -12.37 -4.26
C ARG B 211 23.12 -11.78 -2.88
N ASN B 212 23.73 -12.57 -2.02
CA ASN B 212 23.96 -12.06 -0.68
C ASN B 212 24.98 -10.93 -0.67
N SER B 213 25.72 -10.74 -1.76
CA SER B 213 26.74 -9.72 -1.83
C SER B 213 26.16 -8.34 -2.09
N THR B 214 24.84 -8.21 -2.17
CA THR B 214 24.21 -6.92 -2.33
C THR B 214 23.02 -6.79 -1.38
N HIS B 215 22.85 -5.58 -0.84
CA HIS B 215 21.77 -5.22 0.04
C HIS B 215 20.64 -4.56 -0.74
N GLU B 216 20.71 -4.58 -2.07
CA GLU B 216 19.71 -3.92 -2.88
C GLU B 216 18.31 -4.37 -2.50
N MET B 217 17.36 -3.41 -2.54
CA MET B 217 15.92 -3.64 -2.38
C MET B 217 15.25 -2.88 -3.52
N TYR B 218 13.99 -3.20 -3.78
CA TYR B 218 13.23 -2.56 -4.84
C TYR B 218 12.02 -1.86 -4.23
N TRP B 219 11.90 -0.58 -4.55
CA TRP B 219 10.73 0.21 -4.18
C TRP B 219 9.64 -0.08 -5.23
N ILE B 220 8.60 -0.79 -4.81
CA ILE B 220 7.48 -1.21 -5.65
C ILE B 220 6.25 -0.42 -5.30
N SER B 221 5.35 -0.27 -6.28
CA SER B 221 4.19 0.61 -6.09
C SER B 221 3.08 -0.02 -5.26
N ASN B 222 2.90 -1.34 -5.33
CA ASN B 222 1.72 -1.97 -4.72
C ASN B 222 2.06 -2.56 -3.36
N GLY B 223 2.15 -1.70 -2.38
CA GLY B 223 2.40 -2.18 -1.04
C GLY B 223 2.51 -1.04 -0.05
N THR B 224 2.38 -1.38 1.22
CA THR B 224 2.54 -0.47 2.33
C THR B 224 3.46 -1.16 3.30
N GLY B 225 3.91 -0.42 4.29
CA GLY B 225 4.77 -1.08 5.25
C GLY B 225 5.85 -0.15 5.74
N ASN B 226 6.47 -0.57 6.83
CA ASN B 226 7.53 0.21 7.42
C ASN B 226 8.82 -0.01 6.66
N ILE B 227 9.42 1.06 6.15
CA ILE B 227 10.67 0.92 5.41
C ILE B 227 11.81 0.48 6.32
N VAL B 228 11.94 1.11 7.50
CA VAL B 228 13.04 0.76 8.42
C VAL B 228 12.96 -0.70 8.85
N SER B 229 11.75 -1.19 9.19
CA SER B 229 11.61 -2.60 9.57
C SER B 229 12.08 -3.52 8.48
N SER B 230 11.65 -3.25 7.24
CA SER B 230 11.97 -4.11 6.10
C SER B 230 13.46 -4.09 5.80
N VAL B 231 14.10 -2.93 5.99
CA VAL B 231 15.54 -2.86 5.75
C VAL B 231 16.31 -3.62 6.82
N ASN B 232 15.92 -3.45 8.09
CA ASN B 232 16.62 -4.18 9.14
C ASN B 232 16.45 -5.69 9.05
N MET B 233 15.27 -6.16 8.61
CA MET B 233 15.07 -7.62 8.47
C MET B 233 15.97 -8.20 7.41
N VAL B 234 16.20 -7.47 6.33
CA VAL B 234 17.14 -7.95 5.33
C VAL B 234 18.55 -7.94 5.91
N SER B 235 18.93 -6.84 6.57
CA SER B 235 20.24 -6.83 7.25
C SER B 235 20.41 -8.06 8.11
N ARG B 236 19.39 -8.39 8.90
CA ARG B 236 19.51 -9.55 9.80
C ARG B 236 19.63 -10.84 8.99
N LEU B 237 18.81 -10.98 7.94
CA LEU B 237 18.92 -12.14 7.05
C LEU B 237 20.34 -12.29 6.53
N LEU B 238 20.90 -11.22 5.95
CA LEU B 238 22.22 -11.30 5.36
C LEU B 238 23.33 -11.52 6.40
N LEU B 239 23.20 -10.97 7.60
CA LEU B 239 24.18 -11.29 8.65
C LEU B 239 24.15 -12.75 9.03
N ASN B 240 22.96 -13.29 9.26
CA ASN B 240 22.85 -14.70 9.62
C ASN B 240 23.42 -15.61 8.55
N ARG B 241 23.33 -15.21 7.28
CA ARG B 241 23.87 -16.05 6.23
C ARG B 241 25.40 -16.09 6.22
N PHE B 242 26.06 -15.26 7.02
CA PHE B 242 27.51 -15.39 7.15
C PHE B 242 27.86 -16.68 7.85
N THR B 243 27.13 -17.00 8.93
CA THR B 243 27.49 -18.08 9.82
C THR B 243 26.75 -19.38 9.54
N MET B 244 25.60 -19.32 8.91
CA MET B 244 24.82 -20.52 8.73
C MET B 244 25.51 -21.52 7.80
N THR B 245 25.26 -22.79 8.05
CA THR B 245 25.81 -23.81 7.17
C THR B 245 25.49 -23.46 5.73
N HIS B 246 26.50 -23.50 4.86
CA HIS B 246 26.27 -23.13 3.45
C HIS B 246 25.13 -23.95 2.89
N ARG B 247 24.28 -23.31 2.07
CA ARG B 247 23.24 -23.98 1.32
C ARG B 247 23.43 -23.65 -0.15
N ARG B 248 23.51 -24.68 -1.00
CA ARG B 248 23.60 -24.47 -2.45
C ARG B 248 22.40 -23.66 -2.92
N PRO B 249 22.55 -22.79 -3.92
CA PRO B 249 21.39 -22.02 -4.37
C PRO B 249 20.34 -22.92 -4.99
N THR B 250 19.09 -22.58 -4.71
CA THR B 250 17.94 -23.22 -5.33
C THR B 250 17.94 -22.83 -6.80
N ILE B 251 18.13 -23.79 -7.69
CA ILE B 251 18.26 -23.52 -9.12
C ILE B 251 16.92 -23.75 -9.79
N GLU B 252 16.40 -22.73 -10.48
CA GLU B 252 15.14 -22.84 -11.18
C GLU B 252 15.34 -22.70 -12.68
N LYS B 253 14.33 -23.13 -13.42
CA LYS B 253 14.31 -22.99 -14.87
C LYS B 253 14.11 -21.53 -15.24
N ASP B 254 14.93 -21.05 -16.17
CA ASP B 254 14.84 -19.69 -16.67
C ASP B 254 13.61 -19.48 -17.53
N VAL B 255 13.17 -18.21 -17.58
CA VAL B 255 11.94 -17.81 -18.31
C VAL B 255 11.97 -18.24 -19.77
N ASP B 256 10.81 -18.58 -20.32
CA ASP B 256 10.64 -18.86 -21.76
C ASP B 256 9.85 -17.68 -22.30
N LEU B 257 10.49 -16.79 -23.06
CA LEU B 257 9.86 -15.55 -23.55
C LEU B 257 9.20 -15.76 -24.92
N GLY B 258 9.16 -16.96 -25.48
CA GLY B 258 8.36 -17.22 -26.68
C GLY B 258 8.95 -16.61 -27.94
N ALA B 259 8.07 -16.39 -28.93
CA ALA B 259 8.49 -15.76 -30.17
C ALA B 259 7.32 -15.09 -30.88
N GLY B 260 7.65 -14.20 -31.83
CA GLY B 260 6.71 -13.66 -32.78
C GLY B 260 6.20 -12.28 -32.38
N THR B 261 5.44 -11.69 -33.31
CA THR B 261 4.87 -10.37 -33.08
C THR B 261 3.57 -10.53 -32.33
N ARG B 262 3.19 -9.47 -31.63
CA ARG B 262 1.86 -9.38 -31.04
C ARG B 262 1.10 -8.27 -31.74
N HIS B 263 -0.20 -8.50 -31.93
CA HIS B 263 -1.09 -7.55 -32.56
C HIS B 263 -1.14 -6.21 -31.84
N VAL B 264 -1.30 -5.14 -32.61
CA VAL B 264 -1.39 -3.79 -32.04
C VAL B 264 -2.56 -3.03 -32.63
N SAM C . -18.41 2.08 5.74
CA SAM C . -18.94 0.75 5.47
C SAM C . -20.44 0.83 5.31
O SAM C . -20.94 1.95 5.30
OXT SAM C . -21.16 -0.19 5.13
CB SAM C . -18.60 -0.24 6.59
CG SAM C . -17.12 -0.51 6.76
SD SAM C . -16.81 -1.97 7.75
CE SAM C . -16.86 -1.20 9.41
C5' SAM C . -15.03 -2.10 7.46
C4' SAM C . -14.73 -2.88 6.18
O4' SAM C . -13.34 -2.91 5.86
C3' SAM C . -15.21 -4.33 6.29
O3' SAM C . -16.11 -4.62 5.29
C2' SAM C . -13.93 -5.15 6.07
O2' SAM C . -14.11 -6.26 5.32
C1' SAM C . -12.99 -4.18 5.30
N9 SAM C . -11.59 -4.45 5.43
C8 SAM C . -10.92 -4.86 6.57
N7 SAM C . -9.60 -4.96 6.24
C5 SAM C . -9.45 -4.60 4.94
C6 SAM C . -8.37 -4.54 4.09
N6 SAM C . -7.14 -4.82 4.50
N1 SAM C . -8.55 -4.13 2.80
C2 SAM C . -9.78 -3.82 2.32
N3 SAM C . -10.87 -3.91 3.15
C4 SAM C . -10.70 -4.29 4.43
C1' AT9 D . 31.51 -7.30 -2.06
C2 AT9 D . 34.94 -9.40 -0.06
C2' AT9 D . 31.74 -5.67 -1.94
C3 AT9 D . 33.22 -5.28 -1.67
C3' AT9 D . 31.30 -5.27 -3.10
C4 AT9 D . 33.62 -8.63 -1.78
C4' AT9 D . 30.00 -6.14 -3.37
C5 AT9 D . 34.48 -9.20 -2.70
C5' AT9 D . 29.44 -6.14 -4.64
C6 AT9 D . 35.59 -9.88 -2.19
C8 AT9 D . 32.90 -8.23 -3.81
F4 AT9 D . 30.98 -5.17 -0.83
N1 AT9 D . 35.80 -9.96 -0.89
N2 AT9 D . 35.21 -9.51 1.36
N3 AT9 D . 33.87 -8.73 -0.48
N7 AT9 D . 33.99 -8.94 -3.92
N9 AT9 D . 32.65 -8.02 -2.52
O1A AT9 D . 30.82 -8.63 -7.19
O1B AT9 D . 28.07 -4.97 -9.58
O1G AT9 D . 28.12 -7.68 -11.06
O2A AT9 D . 28.50 -8.43 -6.42
O2B AT9 D . 27.36 -5.28 -7.21
O2G AT9 D . 25.67 -7.09 -11.19
O3' AT9 D . 30.90 -3.83 -3.17
O3A AT9 D . 29.37 -6.71 -8.11
O3B AT9 D . 26.83 -7.17 -8.89
O3G AT9 D . 26.38 -9.33 -10.25
O4' AT9 D . 30.56 -7.55 -2.95
O5' AT9 D . 30.29 -6.71 -5.59
O6 AT9 D . 36.50 -10.49 -3.09
PA AT9 D . 29.72 -7.64 -6.81
PB AT9 D . 27.90 -5.99 -8.45
PG AT9 D . 26.75 -7.83 -10.38
N SAH E . 17.13 -4.67 -15.73
CA SAH E . 18.21 -4.96 -16.71
CB SAH E . 19.57 -4.92 -15.97
CG SAH E . 20.32 -3.59 -16.17
SD SAH E . 21.83 -3.44 -15.21
C SAH E . 18.07 -6.30 -17.44
O SAH E . 17.10 -7.03 -17.24
OXT SAH E . 18.90 -6.69 -18.30
C5' SAH E . 21.79 -1.61 -15.17
C4' SAH E . 22.05 -0.97 -16.53
O4' SAH E . 21.88 0.45 -16.44
C3' SAH E . 23.47 -1.24 -17.08
O3' SAH E . 23.40 -1.81 -18.36
C2' SAH E . 24.12 0.17 -17.11
O2' SAH E . 25.00 0.33 -18.16
C1' SAH E . 22.91 1.12 -17.17
N9 SAH E . 23.12 2.47 -16.66
C8 SAH E . 23.91 2.82 -15.59
N7 SAH E . 23.86 4.17 -15.44
C5 SAH E . 23.04 4.66 -16.40
C6 SAH E . 22.65 5.96 -16.69
N6 SAH E . 23.09 7.01 -15.97
N1 SAH E . 21.80 6.18 -17.73
C2 SAH E . 21.33 5.14 -18.49
N3 SAH E . 21.72 3.85 -18.20
C4 SAH E . 22.57 3.60 -17.18
P PO4 F . 26.48 -14.61 -14.54
O1 PO4 F . 25.63 -15.42 -15.51
O2 PO4 F . 25.72 -13.41 -14.04
O3 PO4 F . 27.73 -14.09 -15.25
O4 PO4 F . 26.86 -15.48 -13.34
#